data_1YR8
#
_entry.id   1YR8
#
_cell.length_a   60.710
_cell.length_b   60.710
_cell.length_c   116.840
_cell.angle_alpha   90.00
_cell.angle_beta   90.00
_cell.angle_gamma   120.00
#
_symmetry.space_group_name_H-M   'P 32 2 1'
#
loop_
_entity.id
_entity.type
_entity.pdbx_description
1 polymer 'ATP(GTP)binding protein'
2 non-polymer "GUANOSINE-5'-TRIPHOSPHATE"
3 water water
#
_entity_poly.entity_id   1
_entity_poly.type   'polypeptide(L)'
_entity_poly.pdbx_seq_one_letter_code
;MRGSHHHHHHGMASMIVVFVGTAGSGKTTLTGEFGRYLEDNYKVAYVNLDTGVKELPYEPSIDVREFVTVEEIMREGYGP
NGAIVESYDRLMEKFNEYLNKILRLEKENDYVLIDTPGQMETFLFHEFGVRLMENLPYPLVVYISDPEILKKPNDYCFVR
FFALLIDLRLGATTIPALNKVDLLSEEEKERHRKYFEDIDYLTARLKLDPSMQGLMAYKMCSMMTEVLPPVRVLYLSAKT
REGFEDLETLAYEHYCTCGDLT
;
_entity_poly.pdbx_strand_id   A
#
# COMPACT_ATOMS: atom_id res chain seq x y z
N ALA A 13 5.89 -21.86 -4.49
CA ALA A 13 4.75 -21.26 -3.75
C ALA A 13 4.73 -19.76 -4.00
N SER A 14 5.90 -19.15 -3.77
CA SER A 14 6.28 -17.85 -4.31
C SER A 14 5.12 -16.90 -4.65
N MET A 15 5.13 -15.73 -4.01
CA MET A 15 4.10 -14.68 -4.15
C MET A 15 4.38 -13.54 -3.15
N ILE A 16 4.47 -12.31 -3.66
CA ILE A 16 4.77 -11.13 -2.85
C ILE A 16 3.65 -10.10 -2.83
N VAL A 17 3.40 -9.56 -1.64
CA VAL A 17 2.34 -8.58 -1.44
C VAL A 17 2.95 -7.37 -0.73
N VAL A 18 2.91 -6.21 -1.36
CA VAL A 18 3.51 -5.01 -0.81
C VAL A 18 2.41 -4.09 -0.25
N PHE A 19 2.47 -3.78 1.04
CA PHE A 19 1.53 -2.87 1.66
C PHE A 19 2.02 -1.43 1.66
N VAL A 20 1.34 -0.57 0.93
CA VAL A 20 1.73 0.81 0.82
C VAL A 20 0.59 1.60 1.44
N GLY A 21 0.92 2.70 2.13
CA GLY A 21 -0.08 3.49 2.80
C GLY A 21 0.62 4.52 3.65
N THR A 22 -0.05 5.63 3.90
CA THR A 22 0.58 6.77 4.59
C THR A 22 0.43 6.73 6.11
N ALA A 23 1.48 7.22 6.77
CA ALA A 23 1.48 7.47 8.20
C ALA A 23 0.09 7.55 8.81
N GLY A 24 -0.31 6.52 9.55
CA GLY A 24 -1.63 6.48 10.19
C GLY A 24 -2.70 5.68 9.48
N SER A 25 -2.31 4.83 8.52
CA SER A 25 -3.27 3.95 7.82
C SER A 25 -3.44 2.58 8.47
N GLY A 26 -2.58 2.27 9.44
CA GLY A 26 -2.65 0.99 10.13
C GLY A 26 -2.26 -0.22 9.30
N LYS A 27 -1.27 -0.06 8.42
CA LYS A 27 -0.91 -1.14 7.50
C LYS A 27 0.15 -2.09 8.05
N THR A 28 0.81 -1.67 9.13
CA THR A 28 1.74 -2.55 9.84
C THR A 28 0.95 -3.53 10.67
N THR A 29 -0.13 -3.04 11.28
CA THR A 29 -1.11 -3.92 11.96
C THR A 29 -1.85 -4.87 10.97
N LEU A 30 -2.14 -4.37 9.77
CA LEU A 30 -2.73 -5.17 8.71
C LEU A 30 -1.77 -6.25 8.22
N THR A 31 -0.56 -5.86 7.88
CA THR A 31 0.46 -6.79 7.43
C THR A 31 0.60 -7.92 8.45
N GLY A 32 0.66 -7.57 9.73
CA GLY A 32 0.72 -8.55 10.78
C GLY A 32 -0.49 -9.47 10.78
N GLU A 33 -1.68 -8.90 10.88
CA GLU A 33 -2.88 -9.71 10.96
C GLU A 33 -3.14 -10.51 9.69
N PHE A 34 -2.96 -9.91 8.53
CA PHE A 34 -3.22 -10.67 7.31
C PHE A 34 -2.26 -11.89 7.21
N GLY A 35 -1.06 -11.75 7.77
CA GLY A 35 -0.09 -12.87 7.77
C GLY A 35 -0.59 -14.09 8.52
N ARG A 36 -0.99 -13.91 9.77
CA ARG A 36 -1.56 -15.02 10.56
C ARG A 36 -2.80 -15.59 9.86
N TYR A 37 -3.65 -14.73 9.34
CA TYR A 37 -4.75 -15.23 8.52
C TYR A 37 -4.24 -16.19 7.44
N LEU A 38 -3.14 -15.81 6.78
CA LEU A 38 -2.51 -16.69 5.80
C LEU A 38 -1.76 -17.86 6.45
N GLU A 39 -1.17 -17.63 7.63
CA GLU A 39 -0.29 -18.61 8.27
C GLU A 39 -0.97 -19.97 8.49
N ASP A 40 -2.27 -20.05 8.21
CA ASP A 40 -3.04 -21.27 8.42
C ASP A 40 -3.01 -22.26 7.25
N ASN A 41 -2.91 -21.75 6.02
CA ASN A 41 -2.85 -22.61 4.83
C ASN A 41 -1.67 -22.25 3.93
N TYR A 42 -0.63 -21.67 4.51
CA TYR A 42 0.44 -21.06 3.74
C TYR A 42 1.66 -20.79 4.64
N LYS A 43 2.85 -20.86 4.04
CA LYS A 43 4.10 -20.42 4.66
C LYS A 43 4.27 -18.96 4.29
N VAL A 44 4.67 -18.14 5.27
CA VAL A 44 4.66 -16.65 5.14
C VAL A 44 5.92 -16.00 5.69
N ALA A 45 6.46 -15.02 4.96
CA ALA A 45 7.61 -14.25 5.36
C ALA A 45 7.26 -12.76 5.46
N TYR A 46 7.90 -12.06 6.38
CA TYR A 46 7.62 -10.68 6.67
C TYR A 46 8.86 -9.85 6.44
N VAL A 47 8.70 -8.78 5.68
CA VAL A 47 9.80 -7.90 5.33
C VAL A 47 9.45 -6.49 5.81
N ASN A 48 10.26 -5.96 6.72
CA ASN A 48 10.11 -4.57 7.11
C ASN A 48 11.15 -3.65 6.48
N LEU A 49 10.65 -2.68 5.70
CA LEU A 49 11.48 -1.71 5.04
C LEU A 49 11.47 -0.31 5.67
N ASP A 50 10.71 -0.14 6.76
CA ASP A 50 10.60 1.14 7.47
C ASP A 50 11.68 1.37 8.55
N THR A 51 12.46 2.43 8.41
CA THR A 51 13.58 2.65 9.32
C THR A 51 13.20 3.38 10.60
N GLY A 52 11.96 3.89 10.68
CA GLY A 52 11.56 4.72 11.80
C GLY A 52 10.40 4.21 12.62
N VAL A 53 9.84 3.07 12.25
CA VAL A 53 8.77 2.46 13.02
C VAL A 53 9.35 1.82 14.29
N LYS A 54 8.74 2.10 15.44
CA LYS A 54 9.21 1.58 16.73
C LYS A 54 9.09 0.06 16.79
N GLU A 55 7.93 -0.39 17.27
CA GLU A 55 7.61 -1.80 17.40
C GLU A 55 6.89 -2.30 16.17
N LEU A 56 6.86 -3.62 16.02
CA LEU A 56 6.26 -4.34 14.89
C LEU A 56 5.46 -5.50 15.46
N PRO A 57 4.27 -5.79 14.91
CA PRO A 57 3.45 -6.86 15.47
C PRO A 57 3.69 -8.21 14.80
N TYR A 58 4.84 -8.38 14.14
CA TYR A 58 5.15 -9.66 13.51
C TYR A 58 6.62 -10.02 13.66
N GLU A 59 7.00 -11.20 13.17
CA GLU A 59 8.38 -11.65 13.19
C GLU A 59 9.07 -11.40 11.84
N PRO A 60 9.99 -10.43 11.78
CA PRO A 60 10.58 -10.07 10.50
C PRO A 60 11.75 -10.96 10.06
N SER A 61 11.65 -11.47 8.84
CA SER A 61 12.76 -12.15 8.20
C SER A 61 13.80 -11.12 7.81
N ILE A 62 13.33 -9.97 7.34
CA ILE A 62 14.22 -8.87 6.98
C ILE A 62 13.69 -7.60 7.67
N ASP A 63 14.58 -6.94 8.41
CA ASP A 63 14.25 -5.76 9.19
C ASP A 63 15.41 -4.79 9.03
N VAL A 64 15.21 -3.75 8.21
CA VAL A 64 16.27 -2.81 7.87
C VAL A 64 16.75 -1.97 9.05
N ARG A 65 16.06 -2.03 10.18
CA ARG A 65 16.43 -1.24 11.35
C ARG A 65 17.68 -1.83 12.01
N GLU A 66 17.91 -3.13 11.79
CA GLU A 66 19.14 -3.75 12.19
C GLU A 66 20.30 -2.94 11.63
N PHE A 67 20.20 -2.60 10.34
CA PHE A 67 21.28 -1.88 9.67
C PHE A 67 21.27 -0.38 9.93
N VAL A 68 20.08 0.21 10.09
CA VAL A 68 20.00 1.64 10.38
C VAL A 68 18.60 2.08 10.79
N THR A 69 18.54 2.94 11.80
CA THR A 69 17.28 3.49 12.28
C THR A 69 17.32 5.00 12.18
N VAL A 70 16.15 5.61 12.00
CA VAL A 70 16.06 7.06 11.90
C VAL A 70 16.65 7.79 13.12
N GLU A 71 16.53 7.19 14.30
CA GLU A 71 17.00 7.83 15.55
C GLU A 71 18.52 7.87 15.69
N GLU A 72 19.18 6.72 15.51
CA GLU A 72 20.64 6.67 15.47
C GLU A 72 21.17 7.83 14.66
N ILE A 73 20.48 8.13 13.56
CA ILE A 73 20.92 9.15 12.63
C ILE A 73 20.68 10.54 13.21
N MET A 74 19.55 10.70 13.89
CA MET A 74 19.22 11.95 14.56
C MET A 74 20.23 12.17 15.68
N ARG A 75 20.53 11.10 16.41
CA ARG A 75 21.62 11.11 17.38
C ARG A 75 22.97 11.38 16.72
N GLU A 76 22.95 12.02 15.55
CA GLU A 76 24.18 12.44 14.90
C GLU A 76 24.05 13.80 14.24
N GLY A 77 22.87 14.42 14.36
CA GLY A 77 22.71 15.85 14.05
C GLY A 77 21.74 16.21 12.94
N TYR A 78 20.97 15.23 12.48
CA TYR A 78 20.05 15.46 11.37
C TYR A 78 18.68 15.90 11.83
N GLY A 79 18.13 16.90 11.13
CA GLY A 79 16.72 17.26 11.26
C GLY A 79 15.87 16.09 10.78
N PRO A 80 14.75 15.83 11.47
CA PRO A 80 13.96 14.61 11.31
C PRO A 80 13.70 14.26 9.86
N ASN A 81 13.30 15.25 9.07
CA ASN A 81 13.04 15.04 7.65
C ASN A 81 14.32 14.60 6.93
N GLY A 82 15.46 15.11 7.38
CA GLY A 82 16.76 14.80 6.77
C GLY A 82 17.35 13.47 7.18
N ALA A 83 16.79 12.87 8.23
CA ALA A 83 17.29 11.63 8.80
C ALA A 83 16.59 10.39 8.22
N ILE A 84 15.36 10.58 7.72
CA ILE A 84 14.65 9.55 6.96
C ILE A 84 15.34 9.36 5.63
N VAL A 85 15.56 10.46 4.92
CA VAL A 85 16.22 10.46 3.63
C VAL A 85 17.58 9.82 3.75
N GLU A 86 18.23 10.07 4.88
CA GLU A 86 19.62 9.65 5.10
C GLU A 86 19.67 8.19 5.51
N SER A 87 18.59 7.71 6.09
CA SER A 87 18.49 6.30 6.41
C SER A 87 18.33 5.50 5.11
N TYR A 88 17.58 6.05 4.16
CA TYR A 88 17.34 5.35 2.90
C TYR A 88 18.55 5.40 1.97
N ASP A 89 19.34 6.46 2.08
CA ASP A 89 20.59 6.54 1.32
C ASP A 89 21.59 5.47 1.74
N ARG A 90 21.68 5.22 3.03
CA ARG A 90 22.61 4.24 3.58
C ARG A 90 22.16 2.81 3.31
N LEU A 91 20.85 2.62 3.26
CA LEU A 91 20.25 1.32 2.90
C LEU A 91 20.71 0.84 1.51
N MET A 92 20.71 1.77 0.56
CA MET A 92 21.10 1.52 -0.84
C MET A 92 22.52 0.90 -0.96
N GLU A 93 23.37 1.13 0.04
CA GLU A 93 24.67 0.47 0.13
C GLU A 93 24.54 -1.04 0.31
N LYS A 94 23.42 -1.49 0.86
CA LYS A 94 23.09 -2.92 0.96
C LYS A 94 21.98 -3.26 -0.01
N PHE A 95 21.82 -2.44 -1.06
CA PHE A 95 20.76 -2.66 -2.05
C PHE A 95 20.74 -4.09 -2.56
N ASN A 96 21.84 -4.53 -3.16
CA ASN A 96 21.88 -5.84 -3.78
C ASN A 96 21.65 -6.95 -2.76
N GLU A 97 22.24 -6.79 -1.59
CA GLU A 97 22.01 -7.75 -0.52
C GLU A 97 20.51 -7.90 -0.23
N TYR A 98 19.81 -6.79 0.01
CA TYR A 98 18.40 -6.86 0.38
C TYR A 98 17.54 -7.46 -0.74
N LEU A 99 17.88 -7.14 -1.98
CA LEU A 99 17.20 -7.73 -3.12
C LEU A 99 17.32 -9.25 -3.08
N ASN A 100 18.55 -9.74 -2.94
CA ASN A 100 18.76 -11.17 -2.97
C ASN A 100 18.20 -11.83 -1.72
N LYS A 101 18.23 -11.15 -0.59
CA LYS A 101 17.54 -11.70 0.58
C LYS A 101 16.06 -11.93 0.24
N ILE A 102 15.40 -10.92 -0.32
CA ILE A 102 13.98 -11.01 -0.65
C ILE A 102 13.66 -12.10 -1.68
N LEU A 103 14.57 -12.28 -2.64
CA LEU A 103 14.36 -13.24 -3.72
C LEU A 103 14.43 -14.66 -3.20
N ARG A 104 15.18 -14.86 -2.13
CA ARG A 104 15.35 -16.17 -1.52
C ARG A 104 14.07 -16.53 -0.81
N LEU A 105 13.62 -15.59 0.03
CA LEU A 105 12.35 -15.73 0.73
C LEU A 105 11.22 -16.01 -0.27
N GLU A 106 11.20 -15.30 -1.38
CA GLU A 106 10.11 -15.44 -2.34
C GLU A 106 9.80 -16.89 -2.71
N LYS A 107 10.85 -17.71 -2.91
CA LYS A 107 10.61 -19.11 -3.27
C LYS A 107 11.00 -20.09 -2.16
N GLU A 108 11.10 -19.59 -0.94
CA GLU A 108 11.02 -20.44 0.24
C GLU A 108 9.63 -20.30 0.87
N ASN A 109 8.75 -19.56 0.19
CA ASN A 109 7.43 -19.29 0.75
C ASN A 109 6.32 -19.14 -0.23
N ASP A 110 5.13 -19.21 0.33
CA ASP A 110 3.91 -18.93 -0.38
C ASP A 110 3.75 -17.43 -0.52
N TYR A 111 3.92 -16.74 0.59
CA TYR A 111 3.75 -15.29 0.67
C TYR A 111 4.94 -14.68 1.38
N VAL A 112 5.50 -13.68 0.73
CA VAL A 112 6.34 -12.69 1.39
C VAL A 112 5.52 -11.40 1.45
N LEU A 113 5.21 -10.97 2.66
CA LEU A 113 4.51 -9.72 2.88
C LEU A 113 5.52 -8.62 3.12
N ILE A 114 5.41 -7.54 2.34
CA ILE A 114 6.35 -6.46 2.54
C ILE A 114 5.67 -5.20 3.06
N ASP A 115 6.20 -4.73 4.19
CA ASP A 115 5.79 -3.53 4.87
C ASP A 115 6.75 -2.39 4.50
N THR A 116 6.24 -1.40 3.79
CA THR A 116 7.04 -0.31 3.24
C THR A 116 7.15 0.88 4.22
N PRO A 117 8.03 1.86 3.95
CA PRO A 117 8.17 3.06 4.80
C PRO A 117 6.84 3.78 5.11
N GLY A 118 6.70 4.30 6.34
CA GLY A 118 5.51 5.02 6.77
C GLY A 118 5.35 6.34 6.05
N GLN A 119 6.47 6.98 5.76
CA GLN A 119 6.47 8.10 4.81
C GLN A 119 6.45 7.51 3.39
N MET A 120 5.26 7.18 2.94
CA MET A 120 5.00 6.67 1.61
C MET A 120 5.92 7.22 0.52
N GLU A 121 6.36 8.46 0.69
CA GLU A 121 7.18 9.13 -0.34
C GLU A 121 8.65 8.67 -0.40
N THR A 122 9.24 8.27 0.73
CA THR A 122 10.53 7.56 0.68
C THR A 122 10.39 6.16 0.10
N PHE A 123 9.21 5.85 -0.43
CA PHE A 123 9.04 4.63 -1.23
C PHE A 123 8.76 4.98 -2.67
N LEU A 124 8.08 6.10 -2.86
CA LEU A 124 7.80 6.58 -4.20
C LEU A 124 8.98 7.33 -4.77
N PHE A 125 9.74 7.99 -3.93
CA PHE A 125 10.75 8.92 -4.44
C PHE A 125 12.22 8.52 -4.28
N HIS A 126 12.57 7.85 -3.18
CA HIS A 126 13.95 7.41 -3.02
C HIS A 126 14.26 6.23 -3.95
N GLU A 127 15.55 6.01 -4.18
CA GLU A 127 16.03 5.03 -5.14
C GLU A 127 15.83 3.60 -4.62
N PHE A 128 16.00 3.41 -3.32
CA PHE A 128 15.90 2.09 -2.71
C PHE A 128 14.57 1.41 -2.98
N GLY A 129 13.53 1.98 -2.38
CA GLY A 129 12.16 1.51 -2.60
C GLY A 129 11.86 1.28 -4.06
N VAL A 130 12.09 2.29 -4.88
CA VAL A 130 11.73 2.24 -6.31
C VAL A 130 12.47 1.17 -7.09
N ARG A 131 13.78 1.05 -6.86
CA ARG A 131 14.55 0.09 -7.64
C ARG A 131 14.30 -1.30 -7.14
N LEU A 132 14.17 -1.42 -5.83
CA LEU A 132 13.87 -2.68 -5.19
C LEU A 132 12.63 -3.29 -5.83
N MET A 133 11.58 -2.49 -5.82
CA MET A 133 10.29 -2.87 -6.35
C MET A 133 10.35 -3.26 -7.82
N GLU A 134 11.07 -2.51 -8.62
CA GLU A 134 11.06 -2.80 -10.04
C GLU A 134 12.02 -3.93 -10.43
N ASN A 135 12.62 -4.58 -9.43
CA ASN A 135 13.42 -5.79 -9.63
C ASN A 135 12.82 -7.03 -8.95
N LEU A 136 11.58 -6.93 -8.48
CA LEU A 136 10.88 -8.09 -7.93
C LEU A 136 9.93 -8.66 -8.98
N PRO A 137 9.72 -9.99 -8.93
CA PRO A 137 8.84 -10.67 -9.88
C PRO A 137 7.35 -10.36 -9.65
N TYR A 138 6.80 -9.51 -10.52
CA TYR A 138 5.38 -9.18 -10.55
C TYR A 138 4.71 -9.05 -9.18
N PRO A 139 5.21 -8.12 -8.34
CA PRO A 139 4.69 -7.97 -6.97
C PRO A 139 3.32 -7.33 -6.97
N LEU A 140 2.52 -7.66 -5.98
CA LEU A 140 1.21 -7.08 -5.84
C LEU A 140 1.24 -5.95 -4.83
N VAL A 141 0.75 -4.79 -5.25
CA VAL A 141 0.73 -3.68 -4.33
C VAL A 141 -0.68 -3.39 -3.78
N VAL A 142 -0.74 -3.17 -2.46
CA VAL A 142 -1.99 -2.85 -1.79
C VAL A 142 -1.85 -1.45 -1.19
N TYR A 143 -2.61 -0.50 -1.74
CA TYR A 143 -2.64 0.85 -1.23
C TYR A 143 -3.82 1.07 -0.28
N ILE A 144 -3.53 1.28 1.00
CA ILE A 144 -4.57 1.38 1.97
C ILE A 144 -4.72 2.82 2.45
N SER A 145 -5.97 3.23 2.67
CA SER A 145 -6.33 4.59 3.07
C SER A 145 -7.11 4.54 4.36
N ASP A 146 -6.90 5.52 5.22
CA ASP A 146 -7.83 5.78 6.31
C ASP A 146 -9.12 6.31 5.69
N PRO A 147 -10.22 5.58 5.83
CA PRO A 147 -11.42 6.08 5.15
C PRO A 147 -11.87 7.48 5.60
N GLU A 148 -11.14 8.10 6.51
CA GLU A 148 -11.43 9.47 6.95
C GLU A 148 -11.07 10.51 5.91
N ILE A 149 -9.97 10.27 5.20
CA ILE A 149 -9.64 11.12 4.08
C ILE A 149 -10.81 11.22 3.10
N LEU A 150 -11.89 10.49 3.40
CA LEU A 150 -13.03 10.38 2.50
C LEU A 150 -14.25 11.12 3.03
N LYS A 151 -14.38 12.38 2.63
CA LYS A 151 -15.42 13.27 3.13
C LYS A 151 -16.46 13.61 2.06
N LYS A 152 -15.99 13.66 0.81
CA LYS A 152 -16.79 14.17 -0.31
C LYS A 152 -16.24 13.74 -1.68
N PRO A 153 -17.08 13.81 -2.72
CA PRO A 153 -16.82 13.22 -4.04
C PRO A 153 -15.40 13.39 -4.50
N ASN A 154 -14.77 14.47 -4.04
CA ASN A 154 -13.41 14.76 -4.41
C ASN A 154 -12.45 13.72 -3.83
N ASP A 155 -12.53 13.54 -2.52
CA ASP A 155 -11.65 12.60 -1.83
C ASP A 155 -11.57 11.23 -2.52
N TYR A 156 -12.66 10.84 -3.21
CA TYR A 156 -12.79 9.53 -3.83
C TYR A 156 -12.00 9.35 -5.13
N CYS A 157 -11.99 10.38 -5.98
CA CYS A 157 -11.26 10.31 -7.26
C CYS A 157 -9.73 10.37 -7.06
N PHE A 158 -9.31 11.18 -6.10
CA PHE A 158 -7.91 11.31 -5.68
C PHE A 158 -7.30 9.95 -5.31
N VAL A 159 -8.05 9.17 -4.54
CA VAL A 159 -7.66 7.82 -4.13
C VAL A 159 -7.46 6.85 -5.30
N ARG A 160 -8.41 6.80 -6.24
CA ARG A 160 -8.24 6.01 -7.45
C ARG A 160 -7.02 6.50 -8.20
N PHE A 161 -6.91 7.83 -8.30
CA PHE A 161 -5.83 8.46 -9.04
C PHE A 161 -4.48 8.11 -8.46
N PHE A 162 -4.36 8.29 -7.15
CA PHE A 162 -3.09 8.08 -6.48
C PHE A 162 -2.65 6.62 -6.58
N ALA A 163 -3.60 5.70 -6.50
CA ALA A 163 -3.30 4.30 -6.74
C ALA A 163 -2.74 4.09 -8.14
N LEU A 164 -3.34 4.75 -9.13
CA LEU A 164 -2.79 4.73 -10.50
C LEU A 164 -1.34 5.23 -10.54
N LEU A 165 -1.09 6.36 -9.87
CA LEU A 165 0.27 6.92 -9.75
C LEU A 165 1.28 5.93 -9.15
N ILE A 166 0.95 5.33 -8.01
CA ILE A 166 1.86 4.38 -7.37
C ILE A 166 2.19 3.27 -8.34
N ASP A 167 1.14 2.72 -8.94
CA ASP A 167 1.24 1.70 -9.96
C ASP A 167 2.26 2.10 -11.04
N LEU A 168 1.95 3.20 -11.75
CA LEU A 168 2.93 3.84 -12.64
C LEU A 168 4.32 3.86 -12.03
N ARG A 169 4.46 4.52 -10.88
CA ARG A 169 5.75 4.64 -10.23
C ARG A 169 6.48 3.32 -10.00
N LEU A 170 5.82 2.35 -9.36
CA LEU A 170 6.53 1.10 -9.00
C LEU A 170 6.49 0.01 -10.08
N GLY A 171 5.65 0.19 -11.09
CA GLY A 171 5.49 -0.82 -12.14
C GLY A 171 4.94 -2.10 -11.54
N ALA A 172 3.89 -1.93 -10.75
CA ALA A 172 3.27 -3.06 -10.07
C ALA A 172 1.80 -2.80 -9.92
N THR A 173 0.99 -3.80 -10.24
CA THR A 173 -0.43 -3.73 -10.02
C THR A 173 -0.64 -3.25 -8.61
N THR A 174 -1.45 -2.20 -8.48
CA THR A 174 -1.67 -1.58 -7.20
C THR A 174 -3.15 -1.59 -6.94
N ILE A 175 -3.56 -2.22 -5.85
CA ILE A 175 -4.97 -2.31 -5.54
C ILE A 175 -5.32 -1.38 -4.40
N PRO A 176 -6.35 -0.55 -4.60
CA PRO A 176 -6.75 0.41 -3.58
C PRO A 176 -7.61 -0.27 -2.51
N ALA A 177 -7.46 0.13 -1.25
CA ALA A 177 -8.25 -0.44 -0.17
C ALA A 177 -8.49 0.53 0.98
N LEU A 178 -9.57 0.32 1.71
CA LEU A 178 -9.79 1.02 2.96
C LEU A 178 -9.52 0.06 4.11
N ASN A 179 -8.76 0.53 5.08
CA ASN A 179 -8.53 -0.23 6.28
C ASN A 179 -9.36 0.34 7.43
N LYS A 180 -9.59 -0.46 8.47
CA LYS A 180 -10.31 -0.03 9.68
C LYS A 180 -11.79 0.26 9.42
N VAL A 181 -12.37 -0.48 8.48
CA VAL A 181 -13.78 -0.36 8.14
C VAL A 181 -14.68 -0.87 9.27
N ASP A 182 -14.08 -1.49 10.27
CA ASP A 182 -14.82 -1.93 11.45
C ASP A 182 -15.22 -0.73 12.33
N LEU A 183 -14.60 0.41 12.04
CA LEU A 183 -14.83 1.67 12.74
C LEU A 183 -15.92 2.46 12.03
N LEU A 184 -16.36 1.94 10.88
CA LEU A 184 -17.37 2.59 10.11
C LEU A 184 -18.77 2.21 10.60
N SER A 185 -19.60 3.21 10.84
CA SER A 185 -21.03 2.95 10.99
C SER A 185 -21.51 2.48 9.62
N GLU A 186 -22.53 1.63 9.59
CA GLU A 186 -23.04 1.17 8.30
C GLU A 186 -23.47 2.39 7.49
N GLU A 187 -23.83 3.45 8.20
CA GLU A 187 -24.08 4.75 7.59
C GLU A 187 -22.96 5.06 6.60
N GLU A 188 -21.73 5.15 7.11
CA GLU A 188 -20.56 5.49 6.28
C GLU A 188 -20.24 4.37 5.32
N LYS A 189 -20.25 3.14 5.83
CA LYS A 189 -19.99 1.98 4.99
C LYS A 189 -20.82 2.07 3.69
N GLU A 190 -22.13 2.24 3.83
CA GLU A 190 -23.01 2.45 2.68
C GLU A 190 -22.45 3.52 1.75
N ARG A 191 -22.24 4.70 2.33
CA ARG A 191 -21.80 5.91 1.61
C ARG A 191 -20.55 5.71 0.75
N HIS A 192 -19.55 4.99 1.27
CA HIS A 192 -18.27 4.79 0.55
C HIS A 192 -18.34 3.83 -0.63
N ARG A 193 -19.03 2.70 -0.46
CA ARG A 193 -19.10 1.73 -1.55
C ARG A 193 -19.83 2.34 -2.76
N LYS A 194 -20.96 3.00 -2.49
CA LYS A 194 -21.73 3.65 -3.55
C LYS A 194 -20.79 4.47 -4.42
N TYR A 195 -20.08 5.40 -3.78
CA TYR A 195 -19.12 6.27 -4.45
C TYR A 195 -17.98 5.52 -5.16
N PHE A 196 -17.67 4.31 -4.69
CA PHE A 196 -16.50 3.55 -5.18
C PHE A 196 -16.80 2.53 -6.27
N GLU A 197 -17.88 1.77 -6.09
CA GLU A 197 -18.18 0.65 -6.98
C GLU A 197 -19.19 0.98 -8.09
N ASP A 198 -20.02 2.00 -7.90
CA ASP A 198 -20.89 2.45 -9.00
C ASP A 198 -20.23 3.55 -9.83
N ILE A 199 -19.25 3.16 -10.64
CA ILE A 199 -18.51 4.10 -11.46
C ILE A 199 -19.39 5.23 -12.00
N ASP A 200 -20.45 4.86 -12.73
CA ASP A 200 -21.31 5.82 -13.41
C ASP A 200 -22.25 6.59 -12.49
N TYR A 201 -21.93 6.64 -11.20
CA TYR A 201 -22.70 7.43 -10.25
C TYR A 201 -21.82 8.54 -9.69
N LEU A 202 -20.60 8.16 -9.32
CA LEU A 202 -19.61 9.14 -8.89
C LEU A 202 -19.10 9.89 -10.11
N THR A 203 -18.88 9.16 -11.20
CA THR A 203 -18.40 9.75 -12.45
C THR A 203 -19.39 10.79 -12.97
N ALA A 204 -20.55 10.84 -12.33
CA ALA A 204 -21.60 11.81 -12.67
C ALA A 204 -21.90 12.70 -11.47
N ARG A 205 -21.39 12.30 -10.31
CA ARG A 205 -21.51 13.09 -9.09
C ARG A 205 -20.49 14.23 -9.12
N LEU A 206 -19.64 14.22 -10.14
CA LEU A 206 -18.56 15.19 -10.26
C LEU A 206 -18.97 16.32 -11.19
N LYS A 207 -20.20 16.80 -11.04
CA LYS A 207 -20.71 17.89 -11.88
C LYS A 207 -21.54 18.90 -11.08
N LEU A 208 -22.06 18.47 -9.93
CA LEU A 208 -22.81 19.37 -9.06
C LEU A 208 -21.89 20.34 -8.32
N ASP A 209 -20.72 20.60 -8.92
CA ASP A 209 -19.76 21.55 -8.37
C ASP A 209 -19.26 22.49 -9.47
N PRO A 210 -19.72 23.75 -9.44
CA PRO A 210 -19.47 24.74 -10.47
C PRO A 210 -18.34 25.70 -10.10
N SER A 211 -17.09 25.24 -10.18
CA SER A 211 -15.95 26.10 -9.86
C SER A 211 -14.63 25.58 -10.45
N MET A 212 -13.84 26.50 -10.97
CA MET A 212 -12.56 26.13 -11.56
C MET A 212 -12.22 24.67 -11.31
N GLN A 213 -12.41 24.24 -10.06
CA GLN A 213 -12.02 22.90 -9.64
C GLN A 213 -13.19 21.93 -9.59
N GLY A 214 -14.40 22.48 -9.45
CA GLY A 214 -15.61 21.67 -9.50
C GLY A 214 -16.01 21.33 -10.93
N LEU A 215 -15.04 21.41 -11.84
CA LEU A 215 -15.29 21.14 -13.25
C LEU A 215 -14.20 20.24 -13.83
N MET A 216 -12.95 20.68 -13.72
CA MET A 216 -11.83 19.83 -14.07
C MET A 216 -11.98 18.49 -13.36
N ALA A 217 -12.06 18.55 -12.03
CA ALA A 217 -12.21 17.36 -11.21
C ALA A 217 -13.12 16.31 -11.85
N TYR A 218 -14.04 16.77 -12.70
CA TYR A 218 -14.99 15.87 -13.35
C TYR A 218 -14.37 15.16 -14.56
N LYS A 219 -13.63 15.92 -15.37
CA LYS A 219 -12.99 15.36 -16.55
C LYS A 219 -11.76 14.55 -16.16
N MET A 220 -11.38 14.64 -14.89
CA MET A 220 -10.26 13.85 -14.37
C MET A 220 -10.57 12.35 -14.42
N CYS A 221 -11.19 11.85 -13.36
CA CYS A 221 -11.46 10.42 -13.27
C CYS A 221 -12.52 9.99 -14.29
N SER A 222 -12.84 10.89 -15.21
CA SER A 222 -13.77 10.59 -16.29
C SER A 222 -13.07 9.75 -17.36
N MET A 223 -11.87 10.18 -17.73
CA MET A 223 -11.07 9.42 -18.69
C MET A 223 -10.40 8.23 -18.02
N MET A 224 -9.43 8.49 -17.15
CA MET A 224 -8.74 7.41 -16.47
C MET A 224 -9.71 6.24 -16.37
N THR A 225 -10.99 6.57 -16.25
CA THR A 225 -12.05 5.57 -16.14
C THR A 225 -12.28 4.90 -17.50
N GLU A 226 -12.06 5.65 -18.57
CA GLU A 226 -12.25 5.14 -19.92
C GLU A 226 -10.90 4.94 -20.60
N VAL A 227 -10.25 3.81 -20.29
CA VAL A 227 -8.95 3.49 -20.84
C VAL A 227 -8.61 2.03 -20.51
N LEU A 228 -8.62 1.74 -19.22
CA LEU A 228 -8.34 0.40 -18.70
C LEU A 228 -9.31 0.14 -17.56
N PRO A 229 -10.12 -0.93 -17.68
CA PRO A 229 -11.14 -1.25 -16.69
C PRO A 229 -10.67 -1.09 -15.23
N PRO A 230 -11.23 -0.10 -14.52
CA PRO A 230 -10.86 0.20 -13.14
C PRO A 230 -10.89 -1.03 -12.23
N VAL A 231 -10.45 -0.84 -10.99
CA VAL A 231 -10.29 -1.94 -10.05
C VAL A 231 -11.33 -1.89 -8.94
N ARG A 232 -11.60 -3.05 -8.35
CA ARG A 232 -12.41 -3.11 -7.16
C ARG A 232 -11.57 -2.64 -5.97
N VAL A 233 -12.13 -1.74 -5.18
CA VAL A 233 -11.56 -1.33 -3.91
C VAL A 233 -11.84 -2.40 -2.85
N LEU A 234 -10.82 -2.76 -2.07
CA LEU A 234 -10.92 -3.72 -0.97
C LEU A 234 -11.29 -2.99 0.30
N TYR A 235 -12.18 -3.57 1.10
CA TYR A 235 -12.45 -3.06 2.45
C TYR A 235 -11.85 -4.06 3.41
N LEU A 236 -10.92 -3.58 4.24
CA LEU A 236 -10.14 -4.49 5.07
C LEU A 236 -10.21 -4.08 6.52
N SER A 237 -10.02 -5.04 7.43
CA SER A 237 -9.93 -4.71 8.85
C SER A 237 -9.04 -5.68 9.63
N ALA A 238 -7.87 -5.22 10.08
CA ALA A 238 -7.01 -6.06 10.91
C ALA A 238 -7.78 -6.60 12.10
N LYS A 239 -8.74 -5.83 12.61
CA LYS A 239 -9.50 -6.18 13.81
C LYS A 239 -10.59 -7.25 13.59
N THR A 240 -11.31 -7.21 12.46
CA THR A 240 -12.36 -8.24 12.24
C THR A 240 -12.00 -9.29 11.20
N ARG A 241 -10.94 -9.00 10.44
CA ARG A 241 -10.49 -9.77 9.28
C ARG A 241 -11.46 -9.69 8.10
N GLU A 242 -12.20 -8.60 8.05
CA GLU A 242 -13.01 -8.27 6.88
C GLU A 242 -12.07 -8.13 5.68
N GLY A 243 -12.39 -8.77 4.55
CA GLY A 243 -11.63 -8.57 3.31
C GLY A 243 -10.42 -9.45 2.99
N PHE A 244 -9.92 -10.17 4.00
CA PHE A 244 -8.78 -11.07 3.83
C PHE A 244 -9.02 -12.10 2.73
N GLU A 245 -10.14 -12.83 2.78
CA GLU A 245 -10.47 -13.78 1.73
C GLU A 245 -10.40 -13.13 0.34
N ASP A 246 -10.95 -11.93 0.22
CA ASP A 246 -10.94 -11.19 -1.02
C ASP A 246 -9.55 -10.92 -1.57
N LEU A 247 -8.67 -10.44 -0.70
CA LEU A 247 -7.31 -10.05 -1.06
C LEU A 247 -6.52 -11.32 -1.32
N GLU A 248 -6.78 -12.33 -0.49
CA GLU A 248 -6.24 -13.67 -0.71
C GLU A 248 -6.41 -14.07 -2.17
N THR A 249 -7.64 -14.03 -2.67
CA THR A 249 -7.88 -14.52 -4.02
C THR A 249 -7.47 -13.53 -5.10
N LEU A 250 -7.39 -12.25 -4.73
CA LEU A 250 -6.88 -11.24 -5.64
C LEU A 250 -5.40 -11.48 -5.84
N ALA A 251 -4.73 -11.90 -4.77
CA ALA A 251 -3.33 -12.29 -4.86
C ALA A 251 -3.16 -13.43 -5.86
N TYR A 252 -3.96 -14.49 -5.67
CA TYR A 252 -3.89 -15.67 -6.53
C TYR A 252 -4.30 -15.32 -7.95
N GLU A 253 -5.41 -14.61 -8.09
CA GLU A 253 -5.86 -14.17 -9.39
C GLU A 253 -4.74 -13.41 -10.07
N HIS A 254 -3.99 -12.63 -9.28
CA HIS A 254 -2.91 -11.83 -9.84
C HIS A 254 -1.74 -12.69 -10.32
N TYR A 255 -1.37 -13.67 -9.51
CA TYR A 255 -0.36 -14.66 -9.86
C TYR A 255 -0.72 -15.42 -11.14
N CYS A 256 -2.01 -15.58 -11.39
CA CYS A 256 -2.44 -16.23 -12.64
C CYS A 256 -2.26 -15.29 -13.81
N THR A 257 -3.14 -14.29 -13.86
CA THR A 257 -3.22 -13.33 -14.96
C THR A 257 -2.01 -12.39 -15.01
N CYS A 258 -0.83 -12.96 -15.23
CA CYS A 258 0.40 -12.19 -15.36
C CYS A 258 1.33 -12.76 -16.44
#